data_6ZT0
#
_entry.id   6ZT0
#
_cell.length_a   78.707
_cell.length_b   78.707
_cell.length_c   57.657
_cell.angle_alpha   90.000
_cell.angle_beta   90.000
_cell.angle_gamma   120.000
#
_symmetry.space_group_name_H-M   'P 3 2 1'
#
loop_
_entity.id
_entity.type
_entity.pdbx_description
1 polymer 'Protein eiger'
2 polymer 'Protein grindelwald'
3 non-polymer 1,2-ETHANEDIOL
4 water water
#
loop_
_entity_poly.entity_id
_entity_poly.type
_entity_poly.pdbx_seq_one_letter_code
_entity_poly.pdbx_strand_id
1 'polypeptide(L)'
;SEDSRPAAHFHLSSRRRHQGSMGYHGDMYIGNDNERNSYQGHFQTRDGVLTVTNTGLYYVYAQICYNNSHDQNGFIVFQG
DTPFLQCLNTVPTNMPHKVHTCHTSGLIHLERNERIHLKDIHNDRNAVLREGNNRSYFGIFKV
;
A
2 'polypeptide(L)' GESRDCHGTICHPVNEFCYVATERCHPCIEVCNNQTHNYDAFLCAKECSAYK AAAA
#
loop_
_chem_comp.id
_chem_comp.type
_chem_comp.name
_chem_comp.formula
EDO non-polymer 1,2-ETHANEDIOL 'C2 H6 O2'
#
# COMPACT_ATOMS: atom_id res chain seq x y z
N ASP A 3 11.52 -4.49 -28.93
CA ASP A 3 11.71 -3.05 -29.06
C ASP A 3 10.86 -2.31 -28.01
N SER A 4 11.35 -1.15 -27.57
CA SER A 4 10.77 -0.48 -26.42
C SER A 4 9.40 0.13 -26.74
N ARG A 5 8.52 0.08 -25.75
CA ARG A 5 7.12 0.48 -25.80
C ARG A 5 6.79 1.00 -24.41
N PRO A 6 5.98 2.07 -24.28
CA PRO A 6 5.58 2.47 -22.90
C PRO A 6 4.61 1.51 -22.24
N ALA A 7 5.12 0.33 -21.87
CA ALA A 7 4.34 -0.67 -21.14
C ALA A 7 5.29 -1.56 -20.36
N ALA A 8 4.85 -2.01 -19.18
CA ALA A 8 5.72 -2.80 -18.33
C ALA A 8 4.90 -3.57 -17.31
N HIS A 9 5.38 -4.77 -16.97
CA HIS A 9 4.82 -5.60 -15.92
C HIS A 9 5.89 -5.86 -14.87
N PHE A 10 5.57 -5.60 -13.61
CA PHE A 10 6.54 -5.67 -12.53
C PHE A 10 6.15 -6.75 -11.52
N HIS A 11 7.10 -7.61 -11.20
CA HIS A 11 6.92 -8.58 -10.11
C HIS A 11 7.39 -7.94 -8.81
N LEU A 12 6.48 -7.82 -7.84
CA LEU A 12 6.82 -7.22 -6.55
C LEU A 12 7.68 -8.18 -5.75
N SER A 13 8.96 -7.83 -5.57
CA SER A 13 9.91 -8.75 -4.98
C SER A 13 10.36 -8.40 -3.56
N SER A 14 10.17 -7.16 -3.12
CA SER A 14 10.58 -6.80 -1.78
C SER A 14 9.82 -5.56 -1.34
N ARG A 15 10.09 -5.12 -0.11
CA ARG A 15 9.52 -3.91 0.46
C ARG A 15 10.61 -3.15 1.20
N ARG A 16 10.41 -1.84 1.34
CA ARG A 16 11.33 -0.97 2.05
CA ARG A 16 11.33 -1.03 2.11
C ARG A 16 10.54 -0.04 2.97
N ARG A 17 11.12 0.27 4.13
CA ARG A 17 10.51 1.27 4.99
C ARG A 17 10.56 2.63 4.30
N HIS A 18 9.46 3.38 4.40
CA HIS A 18 9.35 4.63 3.65
C HIS A 18 8.46 5.60 4.40
N GLN A 19 8.87 6.87 4.43
CA GLN A 19 8.14 7.95 5.08
C GLN A 19 7.61 8.90 4.02
N GLY A 20 6.30 9.15 4.03
CA GLY A 20 5.63 9.83 2.95
C GLY A 20 5.46 11.32 3.18
N SER A 21 4.80 11.97 2.21
CA SER A 21 4.58 13.41 2.28
C SER A 21 3.65 13.78 3.44
N MET A 22 2.52 13.09 3.55
CA MET A 22 1.41 13.54 4.40
C MET A 22 0.98 12.42 5.35
N GLY A 23 1.93 11.96 6.17
CA GLY A 23 1.63 10.94 7.15
C GLY A 23 1.43 9.54 6.61
N TYR A 24 1.77 9.28 5.35
CA TYR A 24 1.67 7.93 4.79
C TYR A 24 3.01 7.23 5.02
N HIS A 25 3.10 6.47 6.11
CA HIS A 25 4.34 5.82 6.51
C HIS A 25 4.32 4.32 6.29
N GLY A 26 3.44 3.82 5.42
CA GLY A 26 3.43 2.42 5.10
C GLY A 26 4.63 2.01 4.26
N ASP A 27 4.85 0.70 4.21
CA ASP A 27 6.02 0.17 3.51
C ASP A 27 5.88 0.36 2.01
N MET A 28 6.98 0.72 1.35
CA MET A 28 7.03 0.90 -0.09
C MET A 28 7.35 -0.43 -0.77
N TYR A 29 6.52 -0.81 -1.74
CA TYR A 29 6.71 -2.06 -2.47
C TYR A 29 7.67 -1.85 -3.63
N ILE A 30 8.58 -2.81 -3.81
CA ILE A 30 9.61 -2.75 -4.85
C ILE A 30 9.33 -3.85 -5.86
N GLY A 31 9.32 -3.51 -7.13
CA GLY A 31 8.98 -4.43 -8.21
C GLY A 31 10.17 -4.69 -9.12
N ASN A 32 10.32 -5.93 -9.52
CA ASN A 32 11.34 -6.35 -10.46
C ASN A 32 10.74 -6.47 -11.86
N ASP A 33 11.55 -6.15 -12.86
CA ASP A 33 11.09 -6.24 -14.25
C ASP A 33 10.79 -7.67 -14.62
N ASN A 34 9.70 -7.87 -15.35
CA ASN A 34 9.53 -9.11 -16.09
C ASN A 34 10.59 -9.17 -17.20
N GLU A 35 11.05 -10.38 -17.50
CA GLU A 35 12.20 -10.52 -18.39
C GLU A 35 11.92 -10.00 -19.80
N ARG A 36 10.66 -9.86 -20.18
CA ARG A 36 10.30 -9.36 -21.50
C ARG A 36 9.94 -7.88 -21.49
N ASN A 37 10.15 -7.19 -20.36
CA ASN A 37 9.96 -5.75 -20.31
C ASN A 37 11.00 -5.06 -21.20
N SER A 38 10.56 -4.03 -21.92
CA SER A 38 11.48 -3.20 -22.69
C SER A 38 10.79 -1.84 -22.84
N TYR A 39 11.23 -0.86 -22.05
CA TYR A 39 10.58 0.45 -22.04
C TYR A 39 11.61 1.59 -21.97
N GLN A 40 12.79 1.39 -22.54
CA GLN A 40 13.82 2.42 -22.52
C GLN A 40 13.31 3.70 -23.17
N GLY A 41 13.45 4.82 -22.45
CA GLY A 41 12.97 6.10 -22.92
C GLY A 41 11.53 6.40 -22.61
N HIS A 42 10.79 5.46 -22.02
CA HIS A 42 9.41 5.68 -21.61
C HIS A 42 9.22 5.72 -20.11
N PHE A 43 9.93 4.88 -19.36
CA PHE A 43 9.86 4.86 -17.91
C PHE A 43 11.26 4.85 -17.32
N GLN A 44 11.36 5.31 -16.08
CA GLN A 44 12.55 5.15 -15.25
C GLN A 44 12.11 4.74 -13.85
N THR A 45 12.83 3.79 -13.26
CA THR A 45 12.44 3.22 -11.98
C THR A 45 13.61 3.26 -11.01
N ARG A 46 13.39 3.84 -9.83
CA ARG A 46 14.36 3.88 -8.74
C ARG A 46 13.60 3.83 -7.43
N ASP A 47 14.04 2.94 -6.53
CA ASP A 47 13.51 2.84 -5.17
C ASP A 47 12.00 2.62 -5.13
N GLY A 48 11.47 1.87 -6.09
CA GLY A 48 10.04 1.62 -6.14
C GLY A 48 9.22 2.73 -6.73
N VAL A 49 9.84 3.84 -7.14
CA VAL A 49 9.14 4.95 -7.78
C VAL A 49 9.34 4.84 -9.29
N LEU A 50 8.23 4.87 -10.03
CA LEU A 50 8.28 4.87 -11.48
C LEU A 50 8.07 6.29 -12.00
N THR A 51 8.98 6.75 -12.85
CA THR A 51 8.91 8.09 -13.42
C THR A 51 8.55 7.98 -14.89
N VAL A 52 7.58 8.79 -15.32
CA VAL A 52 7.08 8.78 -16.68
C VAL A 52 7.87 9.79 -17.50
N THR A 53 8.32 9.38 -18.70
CA THR A 53 9.17 10.24 -19.51
C THR A 53 8.37 11.28 -20.28
N ASN A 54 7.27 10.87 -20.92
CA ASN A 54 6.43 11.76 -21.71
C ASN A 54 5.03 11.83 -21.11
N THR A 55 4.41 13.01 -21.19
CA THR A 55 3.04 13.16 -20.73
C THR A 55 2.11 12.25 -21.52
N GLY A 56 1.16 11.64 -20.82
CA GLY A 56 0.20 10.78 -21.50
C GLY A 56 -0.77 10.19 -20.49
N LEU A 57 -1.74 9.46 -21.02
CA LEU A 57 -2.76 8.79 -20.23
C LEU A 57 -2.37 7.32 -20.09
N TYR A 58 -2.17 6.88 -18.85
CA TYR A 58 -1.67 5.54 -18.57
C TYR A 58 -2.67 4.76 -17.74
N TYR A 59 -2.83 3.48 -18.08
CA TYR A 59 -3.65 2.55 -17.30
C TYR A 59 -2.73 1.72 -16.41
N VAL A 60 -3.01 1.71 -15.12
CA VAL A 60 -2.18 1.04 -14.13
C VAL A 60 -3.02 0.00 -13.41
N TYR A 61 -2.41 -1.15 -13.12
CA TYR A 61 -3.04 -2.18 -12.30
C TYR A 61 -2.06 -2.58 -11.20
N ALA A 62 -2.60 -2.91 -10.03
CA ALA A 62 -1.77 -3.26 -8.88
C ALA A 62 -2.46 -4.34 -8.06
N GLN A 63 -1.66 -5.30 -7.60
CA GLN A 63 -2.18 -6.40 -6.80
C GLN A 63 -1.17 -6.81 -5.75
N ILE A 64 -1.63 -6.93 -4.51
CA ILE A 64 -0.85 -7.45 -3.40
C ILE A 64 -1.59 -8.66 -2.82
N CYS A 65 -0.87 -9.75 -2.58
CA CYS A 65 -1.46 -10.95 -1.99
C CYS A 65 -1.03 -11.01 -0.53
N TYR A 66 -1.98 -10.77 0.37
CA TYR A 66 -1.67 -10.77 1.79
C TYR A 66 -1.74 -12.18 2.36
N ASN A 67 -0.93 -12.43 3.38
CA ASN A 67 -0.86 -13.74 4.02
C ASN A 67 -0.54 -13.54 5.51
N ASN A 68 -1.39 -12.79 6.21
CA ASN A 68 -1.21 -12.52 7.63
C ASN A 68 -2.53 -12.69 8.35
N SER A 69 -2.53 -12.42 9.65
CA SER A 69 -3.66 -12.68 10.52
C SER A 69 -4.58 -11.48 10.69
N HIS A 70 -4.23 -10.33 10.16
CA HIS A 70 -4.94 -9.10 10.48
C HIS A 70 -6.28 -9.03 9.77
N ASP A 71 -7.27 -8.42 10.45
CA ASP A 71 -8.60 -8.30 9.89
C ASP A 71 -8.61 -7.42 8.65
N GLN A 72 -7.84 -6.32 8.68
CA GLN A 72 -7.84 -5.34 7.61
C GLN A 72 -6.46 -5.23 6.98
N ASN A 73 -6.44 -5.18 5.65
CA ASN A 73 -5.21 -5.00 4.88
C ASN A 73 -5.52 -4.14 3.66
N GLY A 74 -4.50 -3.52 3.11
CA GLY A 74 -4.70 -2.71 1.91
C GLY A 74 -3.46 -1.93 1.54
N PHE A 75 -3.50 -1.36 0.34
CA PHE A 75 -2.39 -0.60 -0.20
C PHE A 75 -2.91 0.56 -1.03
N ILE A 76 -1.99 1.44 -1.43
CA ILE A 76 -2.31 2.69 -2.12
C ILE A 76 -1.38 2.85 -3.32
N VAL A 77 -1.95 3.26 -4.46
CA VAL A 77 -1.17 3.72 -5.60
C VAL A 77 -1.14 5.24 -5.54
N PHE A 78 0.05 5.81 -5.53
CA PHE A 78 0.22 7.25 -5.39
C PHE A 78 0.48 7.89 -6.74
N GLN A 79 -0.23 8.97 -7.03
CA GLN A 79 0.05 9.84 -8.18
C GLN A 79 0.80 11.04 -7.62
N GLY A 80 2.11 11.06 -7.81
CA GLY A 80 2.94 12.00 -7.10
C GLY A 80 2.94 11.66 -5.62
N ASP A 81 2.44 12.56 -4.78
CA ASP A 81 2.29 12.29 -3.36
C ASP A 81 0.82 12.26 -2.94
N THR A 82 -0.09 12.07 -3.92
CA THR A 82 -1.53 12.01 -3.73
C THR A 82 -2.02 10.59 -3.86
N PRO A 83 -2.76 10.06 -2.88
CA PRO A 83 -3.34 8.72 -3.01
C PRO A 83 -4.43 8.73 -4.07
N PHE A 84 -4.24 7.95 -5.13
CA PHE A 84 -5.16 7.94 -6.25
C PHE A 84 -5.97 6.66 -6.35
N LEU A 85 -5.32 5.50 -6.38
CA LEU A 85 -6.00 4.21 -6.38
C LEU A 85 -5.76 3.49 -5.06
N GLN A 86 -6.70 2.63 -4.67
CA GLN A 86 -6.64 1.97 -3.38
C GLN A 86 -7.35 0.61 -3.47
N CYS A 87 -6.89 -0.33 -2.64
CA CYS A 87 -7.53 -1.63 -2.49
C CYS A 87 -7.53 -1.98 -1.01
N LEU A 88 -8.63 -2.57 -0.54
CA LEU A 88 -8.74 -2.95 0.86
C LEU A 88 -9.54 -4.23 0.97
N ASN A 89 -9.14 -5.09 1.90
CA ASN A 89 -9.83 -6.35 2.18
C ASN A 89 -10.07 -6.46 3.68
N THR A 90 -11.24 -6.98 4.04
CA THR A 90 -11.52 -7.37 5.42
C THR A 90 -11.73 -8.88 5.46
N VAL A 91 -10.87 -9.58 6.20
CA VAL A 91 -10.99 -11.01 6.41
C VAL A 91 -11.02 -11.26 7.91
N PRO A 92 -12.18 -11.60 8.49
CA PRO A 92 -12.29 -11.65 9.96
C PRO A 92 -11.90 -12.99 10.58
N THR A 93 -12.16 -13.10 11.89
CA THR A 93 -11.84 -14.26 12.74
C THR A 93 -10.34 -14.41 12.96
N ASN A 94 -9.96 -15.20 13.97
CA ASN A 94 -8.56 -15.41 14.32
C ASN A 94 -7.96 -16.61 13.59
N MET A 95 -8.55 -17.04 12.50
CA MET A 95 -8.03 -18.19 11.76
C MET A 95 -6.64 -17.88 11.23
N PRO A 96 -5.67 -18.79 11.37
CA PRO A 96 -4.30 -18.47 10.93
C PRO A 96 -4.11 -18.49 9.43
N HIS A 97 -4.96 -19.18 8.67
CA HIS A 97 -4.72 -19.41 7.25
C HIS A 97 -5.49 -18.39 6.40
N LYS A 98 -5.04 -17.14 6.49
CA LYS A 98 -5.64 -16.05 5.72
C LYS A 98 -4.73 -15.73 4.54
N VAL A 99 -5.21 -16.01 3.33
CA VAL A 99 -4.52 -15.63 2.10
C VAL A 99 -5.55 -15.02 1.15
N HIS A 100 -5.23 -13.85 0.61
CA HIS A 100 -6.15 -13.14 -0.26
C HIS A 100 -5.39 -12.11 -1.10
N THR A 101 -5.80 -12.00 -2.36
CA THR A 101 -5.25 -10.99 -3.26
C THR A 101 -6.15 -9.76 -3.26
N CYS A 102 -5.53 -8.58 -3.27
CA CYS A 102 -6.22 -7.30 -3.38
C CYS A 102 -5.77 -6.65 -4.69
N HIS A 103 -6.71 -6.48 -5.62
CA HIS A 103 -6.40 -5.99 -6.96
C HIS A 103 -7.23 -4.75 -7.25
N THR A 104 -6.59 -3.72 -7.81
CA THR A 104 -7.29 -2.53 -8.27
C THR A 104 -6.59 -2.00 -9.51
N SER A 105 -7.25 -1.05 -10.18
CA SER A 105 -6.71 -0.48 -11.40
C SER A 105 -7.46 0.81 -11.71
N GLY A 106 -6.90 1.59 -12.64
CA GLY A 106 -7.52 2.83 -13.05
C GLY A 106 -6.64 3.60 -14.00
N LEU A 107 -7.25 4.61 -14.62
CA LEU A 107 -6.55 5.51 -15.53
C LEU A 107 -5.92 6.64 -14.75
N ILE A 108 -4.66 6.94 -15.05
CA ILE A 108 -3.91 8.00 -14.38
C ILE A 108 -3.27 8.86 -15.47
N HIS A 109 -3.69 10.12 -15.56
CA HIS A 109 -3.03 11.05 -16.48
C HIS A 109 -1.74 11.54 -15.83
N LEU A 110 -0.61 11.24 -16.47
CA LEU A 110 0.71 11.58 -15.94
C LEU A 110 1.38 12.54 -16.90
N GLU A 111 1.81 13.69 -16.38
CA GLU A 111 2.60 14.60 -17.18
C GLU A 111 4.07 14.21 -17.13
N ARG A 112 4.87 14.85 -17.98
CA ARG A 112 6.27 14.53 -18.09
C ARG A 112 6.98 14.72 -16.75
N ASN A 113 7.77 13.72 -16.37
CA ASN A 113 8.51 13.61 -15.12
C ASN A 113 7.63 13.35 -13.91
N GLU A 114 6.32 13.18 -14.08
CA GLU A 114 5.48 12.82 -12.95
C GLU A 114 5.70 11.35 -12.58
N ARG A 115 5.39 11.02 -11.33
CA ARG A 115 5.81 9.76 -10.73
C ARG A 115 4.63 9.05 -10.09
N ILE A 116 4.74 7.72 -10.01
CA ILE A 116 3.81 6.88 -9.27
C ILE A 116 4.61 5.89 -8.43
N HIS A 117 4.03 5.49 -7.30
CA HIS A 117 4.67 4.46 -6.49
C HIS A 117 3.60 3.75 -5.66
N LEU A 118 3.98 2.59 -5.14
CA LEU A 118 3.06 1.66 -4.49
C LEU A 118 3.45 1.49 -3.03
N LYS A 119 2.52 1.77 -2.13
CA LYS A 119 2.78 1.71 -0.70
C LYS A 119 1.64 1.00 0.02
N ASP A 120 2.00 0.18 1.01
CA ASP A 120 1.00 -0.46 1.85
C ASP A 120 0.40 0.55 2.83
N ILE A 121 -0.80 0.24 3.31
CA ILE A 121 -1.42 1.09 4.32
C ILE A 121 -0.79 0.86 5.69
N HIS A 122 -0.26 -0.33 5.94
CA HIS A 122 0.27 -0.71 7.23
C HIS A 122 1.78 -0.91 7.16
N ASN A 123 2.34 -1.36 8.28
CA ASN A 123 3.77 -1.61 8.41
C ASN A 123 4.01 -3.05 8.86
N ASP A 124 5.00 -3.69 8.22
CA ASP A 124 5.42 -5.05 8.58
C ASP A 124 4.28 -6.06 8.46
N ARG A 125 3.42 -5.86 7.48
CA ARG A 125 2.38 -6.83 7.15
C ARG A 125 2.93 -7.84 6.16
N ASN A 126 2.84 -9.12 6.50
CA ASN A 126 3.35 -10.15 5.62
C ASN A 126 2.54 -10.20 4.33
N ALA A 127 3.24 -10.07 3.20
CA ALA A 127 2.65 -10.24 1.89
C ALA A 127 3.58 -11.11 1.06
N VAL A 128 3.05 -11.67 -0.02
CA VAL A 128 3.84 -12.55 -0.89
C VAL A 128 4.76 -11.68 -1.73
N LEU A 129 6.06 -11.76 -1.48
CA LEU A 129 7.07 -11.02 -2.21
C LEU A 129 8.19 -11.98 -2.59
N ARG A 130 8.44 -12.11 -3.89
CA ARG A 130 9.48 -13.04 -4.35
C ARG A 130 9.82 -12.76 -5.80
N GLU A 131 10.94 -13.32 -6.23
CA GLU A 131 11.36 -13.25 -7.63
C GLU A 131 10.31 -13.90 -8.52
N GLY A 132 10.05 -13.27 -9.66
CA GLY A 132 9.04 -13.78 -10.58
C GLY A 132 7.67 -13.92 -9.96
N ASN A 133 7.30 -12.99 -9.09
CA ASN A 133 6.07 -13.12 -8.29
C ASN A 133 4.85 -13.25 -9.18
N ASN A 134 4.06 -14.31 -8.95
CA ASN A 134 2.80 -14.52 -9.65
C ASN A 134 1.60 -14.32 -8.73
N ARG A 135 1.78 -13.67 -7.58
CA ARG A 135 0.67 -13.35 -6.68
C ARG A 135 0.56 -11.88 -6.35
N SER A 136 1.68 -11.17 -6.26
CA SER A 136 1.69 -9.72 -6.10
C SER A 136 2.48 -9.12 -7.26
N TYR A 137 1.83 -8.23 -8.02
CA TYR A 137 2.45 -7.61 -9.18
C TYR A 137 1.78 -6.27 -9.45
N PHE A 138 2.38 -5.49 -10.35
CA PHE A 138 1.81 -4.22 -10.76
C PHE A 138 2.40 -3.83 -12.11
N GLY A 139 1.62 -3.09 -12.89
CA GLY A 139 2.04 -2.76 -14.24
C GLY A 139 1.37 -1.51 -14.74
N ILE A 140 1.78 -1.09 -15.94
CA ILE A 140 1.36 0.18 -16.51
C ILE A 140 1.50 0.11 -18.03
N PHE A 141 0.59 0.74 -18.75
CA PHE A 141 0.73 0.92 -20.18
C PHE A 141 -0.04 2.15 -20.63
N LYS A 142 0.49 2.82 -21.65
CA LYS A 142 -0.11 4.03 -22.19
C LYS A 142 -1.30 3.68 -23.06
N VAL A 143 -2.38 4.45 -22.92
CA VAL A 143 -3.59 4.23 -23.70
C VAL A 143 -3.67 5.23 -24.85
N GLU B 2 -3.59 17.42 20.68
CA GLU B 2 -3.85 16.19 19.94
C GLU B 2 -5.28 16.19 19.41
N SER B 3 -5.43 15.95 18.10
CA SER B 3 -6.73 16.03 17.44
C SER B 3 -7.26 14.62 17.22
N ARG B 4 -8.41 14.32 17.82
CA ARG B 4 -9.08 13.03 17.65
C ARG B 4 -10.18 13.11 16.59
N ASP B 5 -10.16 14.13 15.74
CA ASP B 5 -11.19 14.32 14.72
C ASP B 5 -10.95 13.33 13.58
N CYS B 6 -11.85 12.35 13.46
CA CYS B 6 -11.81 11.32 12.42
C CYS B 6 -13.02 11.50 11.50
N HIS B 7 -12.83 12.30 10.45
CA HIS B 7 -13.88 12.57 9.47
C HIS B 7 -15.12 13.17 10.14
N GLY B 8 -14.90 14.08 11.08
CA GLY B 8 -15.96 14.73 11.81
C GLY B 8 -16.34 14.05 13.11
N THR B 9 -16.03 12.77 13.27
CA THR B 9 -16.32 12.04 14.50
C THR B 9 -15.15 12.17 15.46
N ILE B 10 -15.45 12.47 16.72
CA ILE B 10 -14.41 12.67 17.73
C ILE B 10 -14.20 11.35 18.46
N CYS B 11 -12.98 10.82 18.38
CA CYS B 11 -12.66 9.55 19.02
C CYS B 11 -12.46 9.75 20.53
N HIS B 12 -12.56 8.65 21.26
CA HIS B 12 -12.26 8.68 22.68
C HIS B 12 -10.79 9.06 22.87
N PRO B 13 -10.46 9.97 23.79
CA PRO B 13 -9.09 10.48 23.87
C PRO B 13 -8.04 9.44 24.24
N VAL B 14 -8.42 8.33 24.85
CA VAL B 14 -7.43 7.38 25.34
C VAL B 14 -7.68 5.98 24.77
N ASN B 15 -8.95 5.63 24.59
CA ASN B 15 -9.32 4.27 24.19
C ASN B 15 -9.53 4.10 22.69
N GLU B 16 -9.41 5.16 21.90
CA GLU B 16 -9.69 5.07 20.47
C GLU B 16 -8.62 5.81 19.67
N PHE B 17 -8.54 5.46 18.39
CA PHE B 17 -7.70 6.17 17.43
C PHE B 17 -8.41 6.17 16.08
N CYS B 18 -8.04 7.15 15.24
CA CYS B 18 -8.59 7.30 13.90
C CYS B 18 -7.87 6.34 12.95
N TYR B 19 -8.52 5.23 12.60
CA TYR B 19 -7.88 4.18 11.82
C TYR B 19 -7.94 4.51 10.34
N VAL B 20 -6.77 4.51 9.69
CA VAL B 20 -6.68 4.88 8.27
C VAL B 20 -7.44 3.91 7.38
N ALA B 21 -7.47 2.63 7.75
CA ALA B 21 -8.10 1.62 6.89
C ALA B 21 -9.62 1.79 6.85
N THR B 22 -10.25 1.96 8.01
CA THR B 22 -11.70 2.10 8.07
C THR B 22 -12.16 3.54 7.97
N GLU B 23 -11.25 4.51 8.13
CA GLU B 23 -11.60 5.92 8.23
C GLU B 23 -12.64 6.16 9.33
N ARG B 24 -12.55 5.37 10.39
CA ARG B 24 -13.44 5.45 11.54
C ARG B 24 -12.60 5.41 12.81
N CYS B 25 -13.22 5.76 13.93
CA CYS B 25 -12.58 5.59 15.23
C CYS B 25 -12.51 4.10 15.55
N HIS B 26 -11.34 3.67 16.04
CA HIS B 26 -11.05 2.26 16.25
C HIS B 26 -10.60 2.02 17.70
N PRO B 27 -11.01 0.90 18.31
CA PRO B 27 -10.59 0.64 19.69
C PRO B 27 -9.10 0.33 19.75
N CYS B 28 -8.42 0.97 20.69
CA CYS B 28 -6.98 0.76 20.85
C CYS B 28 -6.67 -0.65 21.34
N ILE B 29 -7.61 -1.28 22.04
CA ILE B 29 -7.38 -2.62 22.57
C ILE B 29 -7.20 -3.63 21.44
N GLU B 30 -7.79 -3.37 20.27
CA GLU B 30 -7.68 -4.32 19.17
C GLU B 30 -6.26 -4.41 18.63
N VAL B 31 -5.50 -3.31 18.71
CA VAL B 31 -4.13 -3.28 18.18
C VAL B 31 -3.07 -3.32 19.27
N CYS B 32 -3.45 -3.18 20.54
CA CYS B 32 -2.50 -3.14 21.64
C CYS B 32 -2.46 -4.42 22.47
N ASN B 33 -3.41 -5.34 22.25
CA ASN B 33 -3.52 -6.56 23.03
C ASN B 33 -2.67 -7.65 22.41
N ASN B 34 -1.93 -8.36 23.24
CA ASN B 34 -0.99 -9.34 22.75
C ASN B 34 -1.67 -10.61 22.28
N GLN B 35 -2.79 -10.97 22.90
CA GLN B 35 -3.42 -12.25 22.57
C GLN B 35 -4.16 -12.17 21.25
N THR B 36 -4.67 -11.00 20.87
CA THR B 36 -5.49 -10.88 19.68
C THR B 36 -4.65 -11.04 18.41
N HIS B 37 -5.32 -11.51 17.35
CA HIS B 37 -4.70 -11.66 16.05
C HIS B 37 -4.54 -10.33 15.31
N ASN B 38 -5.11 -9.25 15.84
CA ASN B 38 -4.98 -7.93 15.25
C ASN B 38 -3.90 -7.10 15.92
N TYR B 39 -3.08 -7.71 16.78
CA TYR B 39 -2.04 -6.96 17.47
C TYR B 39 -1.07 -6.34 16.47
N ASP B 40 -0.86 -5.03 16.60
CA ASP B 40 0.04 -4.28 15.72
C ASP B 40 0.86 -3.36 16.61
N ALA B 41 2.13 -3.70 16.81
CA ALA B 41 2.97 -2.95 17.74
C ALA B 41 3.22 -1.53 17.25
N PHE B 42 3.42 -1.36 15.93
CA PHE B 42 3.67 -0.02 15.39
C PHE B 42 2.44 0.86 15.54
N LEU B 43 1.27 0.36 15.17
CA LEU B 43 0.05 1.13 15.32
C LEU B 43 -0.22 1.47 16.78
N CYS B 44 -0.04 0.48 17.67
CA CYS B 44 -0.27 0.72 19.10
C CYS B 44 0.67 1.80 19.64
N ALA B 45 1.94 1.78 19.18
CA ALA B 45 2.91 2.75 19.68
C ALA B 45 2.63 4.14 19.14
N LYS B 46 2.23 4.23 17.87
CA LYS B 46 2.08 5.53 17.23
C LYS B 46 0.68 6.13 17.38
N GLU B 47 -0.36 5.30 17.49
CA GLU B 47 -1.72 5.83 17.53
C GLU B 47 -2.36 5.81 18.91
N CYS B 48 -1.85 4.99 19.83
CA CYS B 48 -2.49 4.76 21.11
C CYS B 48 -1.49 4.94 22.25
N SER B 49 -0.79 6.08 22.23
CA SER B 49 0.26 6.31 23.23
C SER B 49 -0.33 6.36 24.64
N ALA B 50 -1.51 6.95 24.80
CA ALA B 50 -2.11 7.11 26.11
C ALA B 50 -2.82 5.85 26.61
N TYR B 51 -3.03 4.86 25.74
CA TYR B 51 -3.75 3.66 26.14
C TYR B 51 -2.94 2.85 27.14
N LYS B 52 -3.60 2.40 28.19
CA LYS B 52 -2.97 1.61 29.26
C LYS B 52 -1.72 2.29 29.81
C1 EDO C . 13.50 -1.41 -19.43
O1 EDO C . 13.48 -1.55 -20.85
C2 EDO C . 13.56 -2.77 -18.76
O2 EDO C . 14.92 -3.13 -18.53
C1 EDO D . 9.94 -0.53 -9.92
O1 EDO D . 11.34 -0.70 -9.72
C2 EDO D . 9.20 -0.74 -8.61
O2 EDO D . 8.02 0.06 -8.56
C1 EDO E . 3.50 8.52 0.02
O1 EDO E . 4.91 8.41 -0.20
C2 EDO E . 3.12 9.98 0.32
O2 EDO E . 3.80 10.84 -0.59
#